data_1XML
#
_entry.id   1XML
#
_cell.length_a   101.922
_cell.length_b   103.863
_cell.length_c   71.067
_cell.angle_alpha   90.00
_cell.angle_beta   90.00
_cell.angle_gamma   90.00
#
_symmetry.space_group_name_H-M   'P 21 21 2'
#
loop_
_entity.id
_entity.type
_entity.pdbx_description
1 polymer 'heat shock-like protein 1'
2 non-polymer 'PHOSPHATE ION'
3 water water
#
_entity_poly.entity_id   1
_entity_poly.type   'polypeptide(L)'
_entity_poly.pdbx_seq_one_letter_code
;GPLGSMADAAPQLGKRKRELDVEEAHAASTEEKEAGVGNGTCAPVRLPFSGFRLQKVLRESARDKIIFLHGKVNEASGDG
DGEDAVVILEKTPFQVEQVAQLLTGSPELQLQFSNDIYSTYHLFPPRQLNDVKTTVVYPATEKHLQKYLRQDLRLIRETG
DDYRNITLPHLESQSLSIQWVYNILDKKAEADRIVFENPDPSDGFVLIPDMKWNQQQLDDLYLIAICHRRGIRSLRDLTP
EHLPLLRNILHQGQEAILQRYRMKGDHLRVYLHYLPSYYHLHVHFTALGFEAPGSGVERAHLLAEVIENLECDPRHYQQR
TMTFALRADDPLLKLLQEAQQS
;
_entity_poly.pdbx_strand_id   B,A
#
loop_
_chem_comp.id
_chem_comp.type
_chem_comp.name
_chem_comp.formula
PO4 non-polymer 'PHOSPHATE ION' 'O4 P -3'
#
# COMPACT_ATOMS: atom_id res chain seq x y z
N VAL A 45 -10.15 -14.03 -33.74
CA VAL A 45 -9.06 -13.70 -34.71
C VAL A 45 -8.82 -12.19 -34.74
N ARG A 46 -9.90 -11.43 -34.91
CA ARG A 46 -9.82 -9.98 -35.04
C ARG A 46 -10.71 -9.26 -34.04
N LEU A 47 -10.39 -8.00 -33.76
CA LEU A 47 -11.20 -7.16 -32.88
C LEU A 47 -12.53 -6.79 -33.57
N PRO A 48 -13.58 -6.53 -32.79
CA PRO A 48 -14.92 -6.23 -33.35
C PRO A 48 -15.01 -4.93 -34.16
N PHE A 49 -13.98 -4.08 -34.06
CA PHE A 49 -13.90 -2.85 -34.86
C PHE A 49 -12.62 -2.84 -35.71
N SER A 50 -12.59 -1.95 -36.70
CA SER A 50 -11.43 -1.74 -37.55
C SER A 50 -10.90 -0.32 -37.37
N GLY A 51 -9.63 -0.19 -36.94
CA GLY A 51 -9.02 1.10 -36.69
C GLY A 51 -9.05 1.47 -35.22
N PHE A 52 -8.08 2.28 -34.79
CA PHE A 52 -7.94 2.66 -33.39
C PHE A 52 -7.11 3.93 -33.21
N ARG A 53 -7.77 4.99 -32.74
CA ARG A 53 -7.12 6.28 -32.49
C ARG A 53 -7.29 6.70 -31.03
N LEU A 54 -6.16 6.80 -30.33
CA LEU A 54 -6.17 7.11 -28.90
C LEU A 54 -6.65 8.54 -28.62
N GLN A 55 -7.82 8.65 -28.00
CA GLN A 55 -8.36 9.93 -27.57
C GLN A 55 -7.84 10.33 -26.18
N LYS A 56 -7.82 9.36 -25.26
CA LYS A 56 -7.39 9.61 -23.88
C LYS A 56 -6.79 8.37 -23.22
N VAL A 57 -5.85 8.61 -22.29
CA VAL A 57 -5.31 7.57 -21.42
C VAL A 57 -6.10 7.61 -20.12
N LEU A 58 -7.01 6.65 -19.95
CA LEU A 58 -7.93 6.64 -18.81
C LEU A 58 -7.25 6.40 -17.46
N ARG A 59 -6.37 5.40 -17.40
CA ARG A 59 -5.69 5.03 -16.15
C ARG A 59 -4.47 4.15 -16.41
N GLU A 60 -3.33 4.52 -15.83
CA GLU A 60 -2.10 3.76 -15.98
C GLU A 60 -1.53 3.36 -14.61
N SER A 61 -0.97 2.16 -14.52
CA SER A 61 -0.22 1.72 -13.34
C SER A 61 1.08 1.05 -13.78
N ALA A 62 2.20 1.67 -13.45
CA ALA A 62 3.52 1.11 -13.76
C ALA A 62 3.82 -0.13 -12.92
N ARG A 63 3.41 -0.11 -11.66
CA ARG A 63 3.65 -1.23 -10.74
C ARG A 63 2.85 -2.48 -11.12
N ASP A 64 1.59 -2.29 -11.51
CA ASP A 64 0.70 -3.39 -11.85
C ASP A 64 0.79 -3.80 -13.32
N LYS A 65 1.56 -3.05 -14.11
CA LYS A 65 1.73 -3.33 -15.54
C LYS A 65 0.37 -3.40 -16.27
N ILE A 66 -0.47 -2.40 -16.02
CA ILE A 66 -1.79 -2.30 -16.66
C ILE A 66 -1.99 -0.93 -17.27
N ILE A 67 -2.80 -0.87 -18.32
CA ILE A 67 -3.19 0.40 -18.94
C ILE A 67 -4.63 0.32 -19.45
N PHE A 68 -5.38 1.40 -19.25
CA PHE A 68 -6.76 1.58 -19.71
C PHE A 68 -6.78 2.73 -20.73
N LEU A 69 -7.33 2.47 -21.92
CA LEU A 69 -7.26 3.40 -23.04
C LEU A 69 -8.61 3.65 -23.72
N HIS A 70 -9.02 4.91 -23.76
CA HIS A 70 -10.16 5.34 -24.56
C HIS A 70 -9.72 5.53 -26.02
N GLY A 71 -10.34 4.79 -26.93
CA GLY A 71 -10.10 4.93 -28.36
C GLY A 71 -11.36 5.26 -29.17
N LYS A 72 -11.14 5.77 -30.37
CA LYS A 72 -12.21 6.03 -31.33
C LYS A 72 -12.05 5.07 -32.50
N VAL A 73 -13.08 4.29 -32.77
CA VAL A 73 -13.01 3.19 -33.73
C VAL A 73 -14.01 3.38 -34.87
N ASN A 74 -13.70 2.76 -36.01
CA ASN A 74 -14.46 2.92 -37.25
C ASN A 74 -14.50 4.37 -37.72
N GLU A 83 -17.27 3.47 -32.76
CA GLU A 83 -17.47 4.85 -32.38
C GLU A 83 -16.57 5.18 -31.19
N ASP A 84 -16.89 4.64 -30.03
CA ASP A 84 -16.03 4.71 -28.85
C ASP A 84 -15.69 3.30 -28.40
N ALA A 85 -14.58 3.16 -27.69
CA ALA A 85 -14.13 1.86 -27.19
C ALA A 85 -13.09 2.02 -26.08
N VAL A 86 -13.17 1.17 -25.06
CA VAL A 86 -12.18 1.10 -24.00
C VAL A 86 -11.46 -0.23 -24.08
N VAL A 87 -10.15 -0.18 -24.30
CA VAL A 87 -9.33 -1.38 -24.34
C VAL A 87 -8.36 -1.39 -23.17
N ILE A 88 -8.33 -2.51 -22.46
CA ILE A 88 -7.55 -2.68 -21.24
C ILE A 88 -6.52 -3.77 -21.51
N LEU A 89 -5.24 -3.40 -21.44
CA LEU A 89 -4.13 -4.34 -21.59
C LEU A 89 -3.47 -4.55 -20.22
N GLU A 90 -3.22 -5.81 -19.86
CA GLU A 90 -2.57 -6.14 -18.60
C GLU A 90 -1.56 -7.27 -18.80
N LYS A 91 -0.29 -6.99 -18.54
CA LYS A 91 0.75 -8.01 -18.59
C LYS A 91 0.46 -9.09 -17.56
N THR A 92 0.82 -10.32 -17.87
CA THR A 92 0.46 -11.45 -17.03
C THR A 92 1.56 -11.81 -16.04
N PRO A 93 1.18 -12.46 -14.94
CA PRO A 93 2.15 -12.93 -13.94
C PRO A 93 3.06 -14.03 -14.49
N PHE A 94 4.28 -14.11 -13.97
CA PHE A 94 5.20 -15.17 -14.38
C PHE A 94 4.75 -16.53 -13.85
N GLN A 95 5.02 -17.56 -14.63
CA GLN A 95 4.91 -18.94 -14.17
C GLN A 95 6.34 -19.44 -13.91
N VAL A 96 6.54 -20.04 -12.73
CA VAL A 96 7.87 -20.47 -12.29
C VAL A 96 8.49 -21.47 -13.26
N GLU A 97 7.69 -22.40 -13.77
CA GLU A 97 8.18 -23.47 -14.62
C GLU A 97 8.67 -22.96 -15.99
N GLN A 98 7.89 -22.06 -16.59
CA GLN A 98 8.24 -21.51 -17.90
C GLN A 98 9.55 -20.72 -17.87
N VAL A 99 9.75 -19.95 -16.79
CA VAL A 99 10.96 -19.15 -16.62
C VAL A 99 12.17 -20.03 -16.33
N ALA A 100 11.95 -21.13 -15.60
CA ALA A 100 13.01 -22.05 -15.22
C ALA A 100 13.69 -22.64 -16.44
N GLN A 101 12.89 -23.18 -17.36
CA GLN A 101 13.39 -23.78 -18.59
C GLN A 101 13.96 -22.73 -19.56
N LEU A 102 13.41 -21.52 -19.52
CA LEU A 102 13.87 -20.43 -20.38
C LEU A 102 15.32 -20.05 -20.09
N LEU A 103 15.67 -20.04 -18.81
CA LEU A 103 17.01 -19.65 -18.37
C LEU A 103 18.06 -20.76 -18.60
N THR A 104 17.62 -22.01 -18.69
CA THR A 104 18.54 -23.12 -19.02
C THR A 104 18.95 -23.12 -20.48
N GLY A 105 18.03 -22.69 -21.36
CA GLY A 105 18.28 -22.68 -22.80
C GLY A 105 18.38 -21.29 -23.38
N SER A 106 19.61 -20.92 -23.76
CA SER A 106 19.95 -19.68 -24.48
C SER A 106 18.83 -18.64 -24.65
N PRO A 107 18.63 -17.78 -23.65
CA PRO A 107 17.67 -16.67 -23.78
C PRO A 107 18.19 -15.53 -24.67
N GLU A 108 17.26 -14.79 -25.26
CA GLU A 108 17.58 -13.61 -26.08
C GLU A 108 17.75 -12.38 -25.19
N LEU A 109 19.00 -12.07 -24.85
CA LEU A 109 19.31 -10.98 -23.93
C LEU A 109 20.04 -9.81 -24.62
N GLN A 110 19.96 -8.66 -23.98
CA GLN A 110 20.49 -7.41 -24.52
C GLN A 110 20.87 -6.52 -23.32
N LEU A 111 22.17 -6.44 -23.05
CA LEU A 111 22.67 -5.72 -21.88
C LEU A 111 22.18 -4.27 -21.84
N GLN A 112 21.83 -3.81 -20.64
CA GLN A 112 21.50 -2.41 -20.39
C GLN A 112 22.59 -1.79 -19.51
N PHE A 113 22.82 -2.40 -18.35
CA PHE A 113 23.93 -1.99 -17.46
C PHE A 113 24.67 -3.21 -16.90
N SER A 114 25.95 -3.01 -16.58
CA SER A 114 26.75 -4.04 -15.92
C SER A 114 27.85 -3.45 -15.04
N ASN A 115 28.09 -4.07 -13.89
CA ASN A 115 29.18 -3.70 -13.00
C ASN A 115 29.45 -4.79 -11.96
N ASP A 116 30.51 -5.57 -12.20
CA ASP A 116 30.98 -6.61 -11.27
C ASP A 116 29.97 -7.76 -11.11
N ILE A 117 29.14 -7.73 -10.06
CA ILE A 117 28.22 -8.83 -9.76
C ILE A 117 26.80 -8.54 -10.24
N TYR A 118 26.41 -7.25 -10.21
CA TYR A 118 25.10 -6.79 -10.67
C TYR A 118 25.11 -6.52 -12.17
N SER A 119 24.03 -6.88 -12.86
CA SER A 119 23.88 -6.59 -14.29
C SER A 119 22.42 -6.75 -14.76
N THR A 120 21.85 -5.67 -15.29
CA THR A 120 20.48 -5.68 -15.81
C THR A 120 20.47 -5.95 -17.32
N TYR A 121 19.39 -6.57 -17.79
CA TYR A 121 19.22 -6.89 -19.22
C TYR A 121 17.78 -6.59 -19.69
N HIS A 122 17.63 -6.53 -21.01
CA HIS A 122 16.33 -6.62 -21.66
C HIS A 122 16.22 -8.05 -22.17
N LEU A 123 15.18 -8.76 -21.72
CA LEU A 123 14.90 -10.12 -22.16
C LEU A 123 13.70 -10.12 -23.10
N PHE A 124 13.78 -10.92 -24.15
CA PHE A 124 12.69 -11.06 -25.11
C PHE A 124 12.30 -12.54 -25.17
N PRO A 125 11.33 -12.92 -24.34
CA PRO A 125 10.96 -14.33 -24.20
C PRO A 125 10.23 -14.89 -25.41
N PRO A 126 10.19 -16.22 -25.54
CA PRO A 126 9.30 -16.87 -26.51
C PRO A 126 7.84 -16.46 -26.30
N ARG A 127 7.03 -16.66 -27.34
CA ARG A 127 5.61 -16.30 -27.36
C ARG A 127 4.80 -16.63 -26.08
N GLN A 128 5.21 -17.68 -25.36
CA GLN A 128 4.41 -18.26 -24.29
C GLN A 128 4.44 -17.50 -22.97
N LEU A 129 5.48 -16.71 -22.75
CA LEU A 129 5.59 -15.86 -21.56
C LEU A 129 5.07 -14.43 -21.81
N ASN A 130 4.59 -14.18 -23.04
CA ASN A 130 4.30 -12.83 -23.51
C ASN A 130 2.81 -12.48 -23.56
N ASP A 131 1.95 -13.44 -23.24
CA ASP A 131 0.50 -13.20 -23.34
C ASP A 131 0.05 -12.06 -22.44
N VAL A 132 -0.89 -11.27 -22.97
CA VAL A 132 -1.39 -10.08 -22.30
C VAL A 132 -2.91 -10.19 -22.24
N LYS A 133 -3.46 -10.06 -21.05
CA LYS A 133 -4.91 -10.06 -20.86
C LYS A 133 -5.50 -8.77 -21.43
N THR A 134 -6.37 -8.92 -22.43
CA THR A 134 -6.87 -7.80 -23.19
C THR A 134 -8.41 -7.78 -23.15
N THR A 135 -8.96 -6.83 -22.39
CA THR A 135 -10.40 -6.65 -22.30
C THR A 135 -10.82 -5.49 -23.21
N VAL A 136 -11.91 -5.68 -23.96
CA VAL A 136 -12.38 -4.68 -24.91
C VAL A 136 -13.86 -4.39 -24.67
N VAL A 137 -14.21 -3.11 -24.72
CA VAL A 137 -15.58 -2.68 -24.49
C VAL A 137 -16.01 -1.90 -25.71
N TYR A 138 -17.01 -2.42 -26.43
CA TYR A 138 -17.47 -1.83 -27.67
C TYR A 138 -18.92 -2.23 -27.97
N PRO A 139 -19.81 -1.25 -28.15
CA PRO A 139 -19.50 0.18 -27.99
C PRO A 139 -19.29 0.59 -26.53
N ALA A 140 -18.38 1.53 -26.29
CA ALA A 140 -18.15 2.06 -24.94
C ALA A 140 -18.98 3.31 -24.76
N THR A 141 -19.61 3.45 -23.60
CA THR A 141 -20.43 4.62 -23.29
C THR A 141 -19.65 5.59 -22.40
N GLU A 142 -20.28 6.70 -22.05
CA GLU A 142 -19.72 7.65 -21.09
C GLU A 142 -19.56 7.03 -19.71
N LYS A 143 -20.45 6.11 -19.35
CA LYS A 143 -20.39 5.40 -18.07
C LYS A 143 -19.17 4.47 -17.96
N HIS A 144 -18.72 3.92 -19.08
CA HIS A 144 -17.51 3.08 -19.08
C HIS A 144 -16.25 3.93 -19.02
N LEU A 145 -16.31 5.15 -19.54
CA LEU A 145 -15.17 6.07 -19.49
C LEU A 145 -14.92 6.59 -18.08
N GLN A 146 -15.99 6.89 -17.33
CA GLN A 146 -15.86 7.37 -15.95
C GLN A 146 -15.50 6.23 -14.99
N LYS A 147 -15.92 5.01 -15.32
CA LYS A 147 -15.64 3.82 -14.50
C LYS A 147 -14.16 3.46 -14.49
N TYR A 148 -13.49 3.61 -15.64
CA TYR A 148 -12.08 3.25 -15.76
C TYR A 148 -11.12 4.43 -15.62
N LEU A 149 -11.67 5.64 -15.51
CA LEU A 149 -10.88 6.84 -15.24
C LEU A 149 -10.21 6.71 -13.87
N ARG A 150 -8.92 7.01 -13.81
CA ARG A 150 -8.14 6.92 -12.57
C ARG A 150 -8.83 7.75 -11.51
N GLN A 151 -8.93 7.23 -10.30
CA GLN A 151 -9.54 8.00 -9.21
C GLN A 151 -8.56 9.08 -8.78
N ASP A 152 -9.00 10.32 -8.98
CA ASP A 152 -8.24 11.48 -8.56
C ASP A 152 -8.61 11.71 -7.11
N LEU A 153 -7.76 11.28 -6.20
CA LEU A 153 -8.09 11.33 -4.79
C LEU A 153 -7.64 12.64 -4.16
N ARG A 154 -8.35 13.04 -3.12
CA ARG A 154 -8.05 14.24 -2.34
C ARG A 154 -8.20 13.91 -0.86
N LEU A 155 -7.23 14.33 -0.05
CA LEU A 155 -7.30 14.15 1.39
C LEU A 155 -8.22 15.20 1.98
N ILE A 156 -8.96 14.80 3.01
CA ILE A 156 -9.77 15.72 3.79
C ILE A 156 -9.72 15.37 5.29
N ARG A 157 -9.80 16.39 6.12
CA ARG A 157 -9.75 16.21 7.56
C ARG A 157 -11.10 16.68 8.10
N GLU A 158 -11.86 15.72 8.63
CA GLU A 158 -13.22 15.92 9.10
C GLU A 158 -13.21 16.02 10.62
N THR A 159 -13.51 17.21 11.15
CA THR A 159 -13.65 17.39 12.58
C THR A 159 -14.92 16.70 13.06
N GLY A 160 -15.04 16.52 14.37
CA GLY A 160 -16.25 15.97 14.97
C GLY A 160 -17.48 16.81 14.62
N ASP A 161 -17.29 18.11 14.49
CA ASP A 161 -18.38 19.02 14.17
C ASP A 161 -18.76 18.90 12.70
N ASP A 162 -17.76 18.83 11.83
CA ASP A 162 -17.98 18.52 10.41
C ASP A 162 -18.77 17.22 10.24
N TYR A 163 -18.47 16.20 11.06
CA TYR A 163 -19.17 14.93 10.95
C TYR A 163 -20.66 15.15 11.24
N ARG A 164 -20.94 15.82 12.36
CA ARG A 164 -22.32 16.05 12.80
C ARG A 164 -23.08 16.98 11.84
N ASN A 165 -22.39 17.99 11.29
CA ASN A 165 -23.04 19.05 10.52
C ASN A 165 -23.08 18.81 9.00
N ILE A 166 -22.14 18.05 8.47
CA ILE A 166 -22.02 17.87 7.03
C ILE A 166 -22.14 16.41 6.61
N THR A 167 -21.30 15.55 7.18
CA THR A 167 -21.15 14.20 6.72
C THR A 167 -22.39 13.37 6.98
N LEU A 168 -22.84 13.40 8.24
CA LEU A 168 -23.94 12.56 8.67
C LEU A 168 -25.24 12.97 7.98
N PRO A 169 -25.60 14.26 7.97
CA PRO A 169 -26.75 14.70 7.17
C PRO A 169 -26.66 14.26 5.70
N HIS A 170 -25.48 14.31 5.09
CA HIS A 170 -25.30 13.88 3.71
C HIS A 170 -25.55 12.38 3.58
N LEU A 171 -25.01 11.61 4.50
CA LEU A 171 -25.21 10.16 4.53
C LEU A 171 -26.70 9.82 4.64
N GLU A 172 -27.40 10.52 5.53
CA GLU A 172 -28.80 10.28 5.79
C GLU A 172 -29.67 10.67 4.59
N SER A 173 -29.26 11.72 3.88
CA SER A 173 -29.99 12.21 2.71
C SER A 173 -29.90 11.21 1.57
N GLN A 174 -28.77 10.50 1.47
CA GLN A 174 -28.67 9.33 0.63
C GLN A 174 -29.41 8.29 1.44
N SER A 175 -30.09 7.37 0.80
CA SER A 175 -30.86 6.40 1.56
C SER A 175 -30.27 5.03 1.34
N LEU A 176 -29.01 4.88 1.73
CA LEU A 176 -28.23 3.69 1.41
C LEU A 176 -28.74 2.48 2.19
N SER A 177 -29.11 1.42 1.47
CA SER A 177 -29.63 0.22 2.10
C SER A 177 -28.50 -0.70 2.60
N ILE A 178 -28.63 -1.16 3.83
CA ILE A 178 -27.78 -2.23 4.34
C ILE A 178 -28.63 -3.46 4.70
N GLN A 179 -29.78 -3.58 4.05
CA GLN A 179 -30.61 -4.78 4.17
C GLN A 179 -29.79 -6.05 3.89
N TRP A 180 -28.85 -5.99 2.96
CA TRP A 180 -28.02 -7.15 2.64
C TRP A 180 -27.18 -7.61 3.85
N VAL A 181 -26.72 -6.65 4.66
CA VAL A 181 -26.03 -6.98 5.91
C VAL A 181 -26.96 -7.69 6.88
N TYR A 182 -28.17 -7.17 7.05
CA TYR A 182 -29.16 -7.80 7.93
C TYR A 182 -29.52 -9.20 7.46
N ASN A 183 -29.56 -9.42 6.15
CA ASN A 183 -29.86 -10.76 5.66
C ASN A 183 -28.74 -11.75 6.04
N ILE A 184 -27.49 -11.29 6.10
CA ILE A 184 -26.40 -12.17 6.54
C ILE A 184 -26.49 -12.47 8.04
N LEU A 185 -26.76 -11.43 8.83
CA LEU A 185 -26.90 -11.57 10.27
C LEU A 185 -28.06 -12.48 10.64
N ASP A 186 -29.14 -12.44 9.85
CA ASP A 186 -30.33 -13.27 10.09
C ASP A 186 -30.20 -14.66 9.46
N LYS A 187 -29.05 -14.95 8.87
CA LYS A 187 -28.74 -16.23 8.21
C LYS A 187 -29.54 -16.52 6.93
N LYS A 188 -30.14 -15.49 6.34
CA LYS A 188 -30.82 -15.60 5.06
C LYS A 188 -29.84 -15.67 3.89
N ALA A 189 -28.64 -15.13 4.07
CA ALA A 189 -27.61 -15.18 3.02
C ALA A 189 -26.26 -15.50 3.61
N GLU A 190 -25.48 -16.32 2.88
CA GLU A 190 -24.08 -16.57 3.19
C GLU A 190 -23.81 -17.40 4.46
N ALA A 191 -24.85 -17.97 5.06
CA ALA A 191 -24.68 -18.68 6.35
C ALA A 191 -23.71 -19.87 6.25
N ASP A 192 -23.75 -20.54 5.12
CA ASP A 192 -22.87 -21.67 4.85
C ASP A 192 -21.37 -21.32 4.97
N ARG A 193 -21.04 -20.05 4.71
CA ARG A 193 -19.66 -19.56 4.68
C ARG A 193 -19.10 -19.11 6.03
N ILE A 194 -19.96 -18.95 7.03
CA ILE A 194 -19.53 -18.46 8.34
C ILE A 194 -18.48 -19.36 8.99
N VAL A 195 -17.35 -18.77 9.39
CA VAL A 195 -16.29 -19.49 10.11
C VAL A 195 -16.56 -19.56 11.62
N PHE A 196 -17.07 -18.49 12.19
CA PHE A 196 -17.25 -18.37 13.64
C PHE A 196 -18.34 -17.35 13.91
N GLU A 197 -19.13 -17.62 14.94
CA GLU A 197 -20.18 -16.70 15.37
C GLU A 197 -20.28 -16.66 16.89
N ASN A 198 -20.24 -15.45 17.44
CA ASN A 198 -20.72 -15.19 18.78
C ASN A 198 -22.15 -14.65 18.60
N PRO A 199 -23.17 -15.44 18.95
CA PRO A 199 -24.56 -15.07 18.68
C PRO A 199 -25.15 -13.98 19.59
N ASP A 200 -24.39 -13.44 20.55
CA ASP A 200 -24.94 -12.41 21.44
C ASP A 200 -25.42 -11.20 20.62
N PRO A 201 -26.69 -10.79 20.74
CA PRO A 201 -27.22 -9.70 19.91
C PRO A 201 -26.61 -8.32 20.19
N SER A 202 -25.95 -8.16 21.34
CA SER A 202 -25.24 -6.93 21.68
C SER A 202 -23.72 -6.95 21.47
N ASP A 203 -23.06 -8.03 21.91
CA ASP A 203 -21.60 -8.09 21.91
C ASP A 203 -21.07 -9.12 20.93
N GLY A 204 -21.96 -9.64 20.08
CA GLY A 204 -21.63 -10.71 19.17
C GLY A 204 -21.35 -10.24 17.76
N PHE A 205 -20.93 -11.20 16.92
CA PHE A 205 -20.54 -10.96 15.55
C PHE A 205 -20.46 -12.26 14.76
N VAL A 206 -20.41 -12.13 13.45
CA VAL A 206 -20.16 -13.24 12.55
C VAL A 206 -18.85 -12.96 11.80
N LEU A 207 -18.05 -14.00 11.61
CA LEU A 207 -16.77 -13.91 10.93
C LEU A 207 -16.89 -14.71 9.65
N ILE A 208 -16.63 -14.07 8.52
CA ILE A 208 -16.87 -14.65 7.21
C ILE A 208 -15.66 -14.39 6.29
N PRO A 209 -15.15 -15.43 5.61
CA PRO A 209 -14.00 -15.22 4.72
C PRO A 209 -14.42 -14.43 3.49
N ASP A 210 -13.54 -13.59 2.95
CA ASP A 210 -13.86 -12.86 1.73
C ASP A 210 -14.14 -13.83 0.57
N MET A 211 -15.08 -13.46 -0.29
CA MET A 211 -15.47 -14.31 -1.42
C MET A 211 -14.29 -14.59 -2.36
N LYS A 212 -13.42 -13.60 -2.50
CA LYS A 212 -12.24 -13.66 -3.36
C LYS A 212 -11.12 -14.56 -2.84
N TRP A 213 -11.13 -14.83 -1.53
CA TRP A 213 -10.13 -15.69 -0.90
C TRP A 213 -10.57 -17.16 -0.97
N ASN A 214 -9.79 -17.98 -1.68
CA ASN A 214 -10.13 -19.40 -1.85
C ASN A 214 -9.84 -20.28 -0.61
N GLN A 215 -9.14 -19.71 0.38
CA GLN A 215 -8.89 -20.36 1.67
C GLN A 215 -7.89 -21.51 1.58
N GLN A 216 -7.09 -21.51 0.51
CA GLN A 216 -6.12 -22.58 0.25
C GLN A 216 -4.69 -22.18 0.61
N GLN A 217 -4.46 -20.90 0.84
CA GLN A 217 -3.17 -20.43 1.32
C GLN A 217 -3.32 -19.21 2.23
N LEU A 218 -2.46 -19.12 3.23
CA LEU A 218 -2.59 -18.11 4.28
C LEU A 218 -2.06 -16.74 3.88
N ASP A 219 -1.36 -16.67 2.75
CA ASP A 219 -0.68 -15.44 2.33
C ASP A 219 -1.69 -14.34 1.99
N ASP A 220 -2.87 -14.75 1.54
CA ASP A 220 -3.92 -13.81 1.17
C ASP A 220 -5.13 -13.90 2.11
N LEU A 221 -4.92 -14.39 3.33
CA LEU A 221 -5.99 -14.55 4.30
C LEU A 221 -6.69 -13.22 4.50
N TYR A 222 -8.01 -13.24 4.41
CA TYR A 222 -8.82 -12.03 4.42
C TYR A 222 -10.23 -12.41 4.85
N LEU A 223 -10.62 -11.96 6.04
CA LEU A 223 -11.94 -12.22 6.61
C LEU A 223 -12.57 -10.91 7.11
N ILE A 224 -13.89 -10.90 7.25
CA ILE A 224 -14.61 -9.79 7.83
C ILE A 224 -15.46 -10.24 9.02
N ALA A 225 -15.42 -9.45 10.10
CA ALA A 225 -16.39 -9.58 11.21
C ALA A 225 -17.45 -8.50 11.09
N ILE A 226 -18.71 -8.90 11.07
CA ILE A 226 -19.84 -8.00 11.09
C ILE A 226 -20.52 -8.16 12.45
N CYS A 227 -20.70 -7.08 13.18
CA CYS A 227 -21.34 -7.16 14.49
C CYS A 227 -22.84 -7.41 14.37
N HIS A 228 -23.41 -8.16 15.32
CA HIS A 228 -24.86 -8.39 15.37
C HIS A 228 -25.65 -7.15 15.76
N ARG A 229 -25.06 -6.31 16.61
CA ARG A 229 -25.74 -5.11 17.05
C ARG A 229 -25.98 -4.14 15.88
N ARG A 230 -27.19 -3.60 15.79
CA ARG A 230 -27.54 -2.69 14.69
C ARG A 230 -27.40 -1.24 15.13
N GLY A 231 -27.20 -0.38 14.14
CA GLY A 231 -27.19 1.05 14.35
C GLY A 231 -25.83 1.66 14.60
N ILE A 232 -24.76 0.84 14.55
CA ILE A 232 -23.40 1.35 14.65
C ILE A 232 -22.88 1.59 13.23
N ARG A 233 -22.96 2.83 12.78
CA ARG A 233 -22.71 3.13 11.38
C ARG A 233 -21.25 2.91 11.03
N SER A 234 -20.37 3.29 11.94
CA SER A 234 -18.93 3.37 11.68
C SER A 234 -18.17 3.70 12.96
N LEU A 235 -16.86 3.88 12.82
CA LEU A 235 -15.99 4.37 13.89
C LEU A 235 -16.57 5.56 14.67
N ARG A 236 -17.27 6.46 13.98
CA ARG A 236 -17.85 7.64 14.59
C ARG A 236 -18.91 7.38 15.67
N ASP A 237 -19.51 6.20 15.65
CA ASP A 237 -20.55 5.84 16.62
C ASP A 237 -20.02 5.09 17.84
N LEU A 238 -18.72 4.83 17.86
CA LEU A 238 -18.14 3.99 18.92
C LEU A 238 -17.99 4.78 20.21
N THR A 239 -18.48 4.16 21.29
CA THR A 239 -18.37 4.68 22.64
C THR A 239 -17.93 3.56 23.57
N PRO A 240 -17.60 3.87 24.83
CA PRO A 240 -17.23 2.82 25.77
C PRO A 240 -18.26 1.70 25.93
N GLU A 241 -19.54 1.99 25.67
CA GLU A 241 -20.57 0.94 25.67
C GLU A 241 -20.23 -0.23 24.74
N HIS A 242 -19.45 0.05 23.70
CA HIS A 242 -19.10 -0.92 22.68
C HIS A 242 -17.82 -1.69 22.99
N LEU A 243 -17.17 -1.37 24.10
CA LEU A 243 -15.91 -2.03 24.43
C LEU A 243 -16.01 -3.56 24.53
N PRO A 244 -17.02 -4.12 25.18
CA PRO A 244 -17.18 -5.59 25.15
C PRO A 244 -17.31 -6.20 23.75
N LEU A 245 -18.08 -5.57 22.85
CA LEU A 245 -18.19 -6.02 21.47
C LEU A 245 -16.83 -5.98 20.76
N LEU A 246 -16.11 -4.88 20.93
CA LEU A 246 -14.82 -4.68 20.27
C LEU A 246 -13.78 -5.68 20.75
N ARG A 247 -13.71 -5.89 22.06
CA ARG A 247 -12.83 -6.89 22.64
C ARG A 247 -13.18 -8.30 22.16
N ASN A 248 -14.47 -8.62 22.09
CA ASN A 248 -14.88 -9.92 21.58
C ASN A 248 -14.38 -10.11 20.14
N ILE A 249 -14.61 -9.11 19.30
CA ILE A 249 -14.19 -9.22 17.93
C ILE A 249 -12.68 -9.48 17.84
N LEU A 250 -11.91 -8.72 18.61
CA LEU A 250 -10.44 -8.79 18.57
C LEU A 250 -9.94 -10.14 19.06
N HIS A 251 -10.37 -10.53 20.25
CA HIS A 251 -9.87 -11.72 20.91
C HIS A 251 -10.50 -13.00 20.38
N GLN A 252 -11.83 -13.05 20.28
CA GLN A 252 -12.48 -14.25 19.72
C GLN A 252 -12.16 -14.45 18.24
N GLY A 253 -12.13 -13.37 17.47
CA GLY A 253 -11.75 -13.42 16.08
C GLY A 253 -10.36 -14.02 15.86
N GLN A 254 -9.37 -13.58 16.65
CA GLN A 254 -8.02 -14.10 16.49
C GLN A 254 -7.96 -15.57 16.91
N GLU A 255 -8.69 -15.95 17.95
CA GLU A 255 -8.70 -17.33 18.39
C GLU A 255 -9.41 -18.25 17.41
N ALA A 256 -10.44 -17.75 16.75
CA ALA A 256 -11.13 -18.53 15.73
C ALA A 256 -10.20 -18.76 14.54
N ILE A 257 -9.44 -17.72 14.19
CA ILE A 257 -8.54 -17.77 13.05
C ILE A 257 -7.35 -18.69 13.37
N LEU A 258 -6.86 -18.64 14.60
CA LEU A 258 -5.78 -19.53 15.02
C LEU A 258 -6.22 -20.99 14.91
N GLN A 259 -7.39 -21.30 15.45
CA GLN A 259 -7.90 -22.67 15.38
C GLN A 259 -8.20 -23.13 13.93
N ARG A 260 -8.87 -22.29 13.15
CA ARG A 260 -9.41 -22.70 11.86
C ARG A 260 -8.30 -22.79 10.84
N TYR A 261 -7.40 -21.81 10.84
CA TYR A 261 -6.38 -21.66 9.81
C TYR A 261 -4.94 -21.79 10.31
N ARG A 262 -4.75 -21.99 11.61
CA ARG A 262 -3.41 -22.08 12.21
C ARG A 262 -2.54 -20.82 12.03
N MET A 263 -3.18 -19.66 11.95
CA MET A 263 -2.46 -18.40 11.82
C MET A 263 -2.46 -17.64 13.15
N LYS A 264 -1.27 -17.42 13.70
CA LYS A 264 -1.12 -16.70 14.96
C LYS A 264 -1.52 -15.24 14.82
N GLY A 265 -1.95 -14.65 15.95
CA GLY A 265 -2.39 -13.27 15.99
C GLY A 265 -1.38 -12.26 15.48
N ASP A 266 -0.09 -12.53 15.69
CA ASP A 266 0.95 -11.60 15.26
C ASP A 266 1.27 -11.70 13.75
N HIS A 267 0.55 -12.58 13.05
CA HIS A 267 0.56 -12.65 11.59
C HIS A 267 -0.59 -11.86 10.97
N LEU A 268 -1.47 -11.28 11.78
CA LEU A 268 -2.72 -10.65 11.32
C LEU A 268 -2.77 -9.16 11.62
N ARG A 269 -3.37 -8.40 10.69
CA ARG A 269 -3.78 -7.02 10.92
C ARG A 269 -5.29 -7.04 11.13
N VAL A 270 -5.75 -6.41 12.21
CA VAL A 270 -7.16 -6.34 12.54
C VAL A 270 -7.53 -4.88 12.64
N TYR A 271 -8.43 -4.42 11.77
CA TYR A 271 -8.66 -2.99 11.61
C TYR A 271 -10.02 -2.67 10.97
N LEU A 272 -10.40 -1.41 11.10
CA LEU A 272 -11.58 -0.87 10.43
C LEU A 272 -11.16 0.22 9.47
N HIS A 273 -12.09 0.59 8.59
CA HIS A 273 -11.90 1.70 7.67
C HIS A 273 -12.84 2.86 8.03
N TYR A 274 -12.34 4.08 7.90
CA TYR A 274 -13.18 5.25 8.00
C TYR A 274 -12.94 6.08 6.78
N LEU A 275 -14.08 6.66 6.40
CA LEU A 275 -15.07 6.12 5.45
C LEU A 275 -15.02 4.61 5.17
N PRO A 276 -16.00 3.88 5.69
CA PRO A 276 -16.21 2.50 5.26
C PRO A 276 -17.01 2.52 3.97
N SER A 277 -17.05 1.40 3.26
CA SER A 277 -17.81 1.29 2.02
C SER A 277 -19.31 1.09 2.29
N TYR A 278 -19.65 0.66 3.50
CA TYR A 278 -21.06 0.63 3.97
C TYR A 278 -21.14 0.87 5.47
N TYR A 279 -22.32 1.25 5.93
CA TYR A 279 -22.46 1.86 7.25
C TYR A 279 -23.14 0.95 8.27
N HIS A 280 -22.49 -0.18 8.48
CA HIS A 280 -22.75 -1.07 9.58
C HIS A 280 -21.38 -1.59 9.98
N LEU A 281 -21.01 -1.39 11.23
CA LEU A 281 -19.66 -1.68 11.71
C LEU A 281 -19.16 -3.04 11.26
N HIS A 282 -17.97 -3.06 10.67
CA HIS A 282 -17.34 -4.31 10.28
C HIS A 282 -15.82 -4.18 10.35
N VAL A 283 -15.18 -5.27 10.73
CA VAL A 283 -13.76 -5.27 11.03
C VAL A 283 -13.04 -6.26 10.11
N HIS A 284 -11.90 -5.82 9.57
CA HIS A 284 -11.08 -6.65 8.69
C HIS A 284 -10.05 -7.45 9.49
N PHE A 285 -9.85 -8.70 9.08
CA PHE A 285 -8.73 -9.52 9.53
C PHE A 285 -7.91 -9.92 8.30
N THR A 286 -6.65 -9.51 8.24
CA THR A 286 -5.83 -9.68 7.02
C THR A 286 -4.41 -10.10 7.36
N ALA A 287 -3.90 -11.08 6.61
CA ALA A 287 -2.49 -11.44 6.69
C ALA A 287 -1.61 -10.21 6.43
N LEU A 288 -0.53 -10.12 7.18
CA LEU A 288 0.43 -9.01 7.06
C LEU A 288 0.99 -8.87 5.64
N GLY A 289 1.24 -9.97 4.95
CA GLY A 289 1.78 -9.90 3.60
C GLY A 289 0.82 -9.29 2.57
N PHE A 290 -0.46 -9.60 2.75
CA PHE A 290 -1.51 -9.20 1.82
C PHE A 290 -1.74 -7.69 1.86
N GLU A 298 -4.45 6.54 5.47
CA GLU A 298 -5.52 7.51 5.70
C GLU A 298 -6.90 6.85 5.61
N ARG A 299 -6.96 5.56 5.88
CA ARG A 299 -8.21 4.82 5.77
C ARG A 299 -8.38 3.81 6.93
N ALA A 300 -7.28 3.15 7.30
CA ALA A 300 -7.22 2.04 8.26
C ALA A 300 -6.97 2.43 9.72
N HIS A 301 -7.60 1.70 10.65
CA HIS A 301 -7.55 1.99 12.08
C HIS A 301 -7.50 0.68 12.85
N LEU A 302 -6.37 0.39 13.47
CA LEU A 302 -6.17 -0.87 14.19
C LEU A 302 -7.17 -1.02 15.33
N LEU A 303 -7.81 -2.19 15.44
CA LEU A 303 -8.82 -2.43 16.46
C LEU A 303 -8.27 -2.30 17.88
N ALA A 304 -7.09 -2.84 18.11
CA ALA A 304 -6.44 -2.75 19.40
C ALA A 304 -6.28 -1.28 19.85
N GLU A 305 -6.01 -0.39 18.90
CA GLU A 305 -5.83 1.03 19.17
C GLU A 305 -7.17 1.74 19.38
N VAL A 306 -8.19 1.32 18.62
CA VAL A 306 -9.56 1.85 18.81
C VAL A 306 -9.99 1.59 20.25
N ILE A 307 -9.73 0.37 20.72
CA ILE A 307 -10.09 -0.03 22.08
C ILE A 307 -9.37 0.83 23.12
N GLU A 308 -8.06 0.99 22.94
CA GLU A 308 -7.28 1.77 23.90
C GLU A 308 -7.64 3.25 23.89
N ASN A 309 -7.90 3.81 22.72
CA ASN A 309 -8.46 5.16 22.59
C ASN A 309 -9.75 5.34 23.40
N LEU A 310 -10.66 4.38 23.31
CA LEU A 310 -11.93 4.47 24.01
C LEU A 310 -11.75 4.38 25.52
N GLU A 311 -10.76 3.58 25.93
CA GLU A 311 -10.44 3.44 27.35
C GLU A 311 -9.79 4.71 27.88
N CYS A 312 -8.99 5.39 27.06
CA CYS A 312 -8.23 6.57 27.47
C CYS A 312 -9.06 7.86 27.39
N ASP A 313 -10.00 7.90 26.46
CA ASP A 313 -10.79 9.10 26.21
C ASP A 313 -12.15 8.67 25.65
N PRO A 314 -13.15 8.58 26.51
CA PRO A 314 -14.48 8.05 26.14
C PRO A 314 -15.13 8.67 24.90
N ARG A 315 -14.92 9.96 24.66
CA ARG A 315 -15.58 10.65 23.55
C ARG A 315 -14.67 10.81 22.33
N HIS A 316 -13.58 10.05 22.29
CA HIS A 316 -12.55 10.16 21.27
C HIS A 316 -13.09 10.26 19.84
N TYR A 317 -13.94 9.31 19.45
CA TYR A 317 -14.42 9.21 18.08
C TYR A 317 -15.57 10.15 17.73
N GLN A 318 -16.18 10.80 18.71
CA GLN A 318 -17.12 11.89 18.43
C GLN A 318 -16.40 13.25 18.35
N GLN A 319 -15.27 13.39 19.03
CA GLN A 319 -14.63 14.72 19.18
C GLN A 319 -13.40 14.96 18.32
N ARG A 320 -12.67 13.90 17.99
CA ARG A 320 -11.40 14.03 17.28
C ARG A 320 -11.59 14.14 15.78
N THR A 321 -10.57 14.63 15.10
CA THR A 321 -10.57 14.80 13.65
C THR A 321 -10.09 13.51 12.98
N MET A 322 -10.82 13.09 11.96
CA MET A 322 -10.51 11.90 11.18
C MET A 322 -10.01 12.34 9.81
N THR A 323 -9.04 11.63 9.28
CA THR A 323 -8.48 11.94 7.98
C THR A 323 -8.74 10.81 7.01
N PHE A 324 -9.19 11.14 5.81
CA PHE A 324 -9.44 10.13 4.78
C PHE A 324 -9.41 10.75 3.39
N ALA A 325 -9.28 9.90 2.37
CA ALA A 325 -9.30 10.31 0.98
C ALA A 325 -10.69 10.14 0.38
N LEU A 326 -11.02 11.04 -0.55
CA LEU A 326 -12.27 11.00 -1.31
C LEU A 326 -11.98 11.30 -2.76
N ARG A 327 -12.75 10.72 -3.67
CA ARG A 327 -12.69 11.07 -5.08
C ARG A 327 -12.93 12.56 -5.24
N ALA A 328 -12.21 13.18 -6.16
CA ALA A 328 -12.33 14.62 -6.39
C ALA A 328 -13.76 15.02 -6.75
N ASP A 329 -14.47 14.15 -7.45
CA ASP A 329 -15.85 14.44 -7.86
C ASP A 329 -16.91 14.04 -6.82
N ASP A 330 -16.50 13.41 -5.72
CA ASP A 330 -17.42 13.01 -4.64
C ASP A 330 -18.11 14.25 -4.10
N PRO A 331 -19.45 14.27 -4.06
CA PRO A 331 -20.19 15.43 -3.54
C PRO A 331 -19.91 15.73 -2.06
N LEU A 332 -19.51 14.73 -1.28
CA LEU A 332 -19.17 14.92 0.11
C LEU A 332 -17.94 15.81 0.26
N LEU A 333 -16.97 15.62 -0.64
CA LEU A 333 -15.73 16.39 -0.60
C LEU A 333 -16.00 17.87 -0.82
N LYS A 334 -16.87 18.19 -1.79
CA LYS A 334 -17.27 19.58 -2.03
C LYS A 334 -17.94 20.16 -0.78
N LEU A 335 -18.84 19.40 -0.16
CA LEU A 335 -19.54 19.87 1.04
C LEU A 335 -18.62 20.14 2.22
N LEU A 336 -17.62 19.30 2.41
CA LEU A 336 -16.72 19.49 3.55
C LEU A 336 -15.77 20.67 3.29
N GLN A 337 -15.31 20.82 2.06
CA GLN A 337 -14.44 21.95 1.70
C GLN A 337 -15.13 23.30 1.86
N GLU A 338 -16.40 23.38 1.45
CA GLU A 338 -17.19 24.62 1.53
C GLU A 338 -17.40 25.03 2.98
N ALA A 339 -17.63 24.05 3.85
CA ALA A 339 -17.83 24.32 5.28
C ALA A 339 -16.54 24.72 5.99
N GLN A 340 -15.40 24.25 5.47
CA GLN A 340 -14.11 24.52 6.11
C GLN A 340 -13.53 25.87 5.68
N GLN A 341 -14.08 26.45 4.61
CA GLN A 341 -13.78 27.81 4.18
C GLN A 341 -15.04 28.54 3.73
N ALA B 43 24.73 -6.28 -28.77
CA ALA B 43 25.04 -7.72 -29.03
C ALA B 43 24.03 -8.61 -28.33
N PRO B 44 23.78 -9.81 -28.87
CA PRO B 44 22.92 -10.80 -28.19
C PRO B 44 23.70 -11.52 -27.09
N VAL B 45 23.95 -10.79 -26.01
CA VAL B 45 24.79 -11.25 -24.90
C VAL B 45 24.17 -12.50 -24.27
N ARG B 46 24.99 -13.26 -23.57
CA ARG B 46 24.52 -14.40 -22.78
C ARG B 46 24.72 -14.15 -21.28
N LEU B 47 24.09 -14.98 -20.46
CA LEU B 47 24.29 -14.94 -19.01
C LEU B 47 25.73 -15.30 -18.70
N PRO B 48 26.29 -14.76 -17.61
CA PRO B 48 27.70 -15.02 -17.26
C PRO B 48 27.97 -16.43 -16.72
N PHE B 49 26.91 -17.24 -16.60
CA PHE B 49 26.98 -18.62 -16.15
C PHE B 49 26.22 -19.53 -17.12
N SER B 50 26.32 -20.84 -16.92
CA SER B 50 25.63 -21.82 -17.77
C SER B 50 24.77 -22.77 -16.94
N GLY B 51 23.58 -23.08 -17.44
CA GLY B 51 22.65 -23.99 -16.76
C GLY B 51 22.06 -23.40 -15.50
N PHE B 52 20.74 -23.25 -15.47
CA PHE B 52 20.06 -22.67 -14.31
C PHE B 52 19.02 -23.63 -13.74
N ARG B 53 19.40 -24.36 -12.69
CA ARG B 53 18.48 -25.22 -11.95
C ARG B 53 17.91 -24.44 -10.76
N LEU B 54 16.59 -24.25 -10.77
CA LEU B 54 15.89 -23.59 -9.67
C LEU B 54 15.98 -24.44 -8.40
N GLN B 55 16.41 -23.82 -7.30
CA GLN B 55 16.38 -24.44 -5.98
C GLN B 55 15.29 -23.85 -5.08
N LYS B 56 14.97 -22.57 -5.28
CA LYS B 56 13.94 -21.90 -4.49
C LYS B 56 13.36 -20.66 -5.19
N VAL B 57 12.05 -20.44 -5.03
CA VAL B 57 11.41 -19.20 -5.49
C VAL B 57 11.42 -18.20 -4.33
N LEU B 58 12.44 -17.34 -4.31
CA LEU B 58 12.67 -16.40 -3.21
C LEU B 58 11.45 -15.53 -2.90
N ARG B 59 10.99 -14.77 -3.90
CA ARG B 59 9.87 -13.84 -3.75
C ARG B 59 9.04 -13.82 -5.04
N GLU B 60 7.72 -13.69 -4.91
CA GLU B 60 6.83 -13.63 -6.07
C GLU B 60 5.61 -12.76 -5.82
N SER B 61 5.19 -12.04 -6.86
CA SER B 61 4.04 -11.15 -6.78
C SER B 61 3.28 -11.20 -8.09
N ALA B 62 2.04 -11.67 -8.02
CA ALA B 62 1.16 -11.72 -9.19
C ALA B 62 0.68 -10.32 -9.53
N ARG B 63 0.49 -9.52 -8.48
CA ARG B 63 0.06 -8.12 -8.59
C ARG B 63 1.07 -7.26 -9.35
N ASP B 64 2.35 -7.42 -9.01
CA ASP B 64 3.44 -6.60 -9.56
C ASP B 64 4.10 -7.24 -10.79
N LYS B 65 3.77 -8.50 -11.08
CA LYS B 65 4.33 -9.26 -12.19
C LYS B 65 5.85 -9.29 -12.12
N ILE B 66 6.35 -9.73 -10.98
CA ILE B 66 7.78 -9.92 -10.75
C ILE B 66 7.98 -11.26 -10.05
N ILE B 67 9.16 -11.85 -10.27
CA ILE B 67 9.56 -13.04 -9.56
C ILE B 67 11.07 -12.98 -9.30
N PHE B 68 11.47 -13.50 -8.15
CA PHE B 68 12.86 -13.50 -7.72
C PHE B 68 13.28 -14.95 -7.55
N LEU B 69 14.30 -15.35 -8.32
CA LEU B 69 14.70 -16.74 -8.42
C LEU B 69 16.08 -16.95 -7.83
N HIS B 70 16.24 -18.05 -7.11
CA HIS B 70 17.55 -18.53 -6.65
C HIS B 70 17.83 -19.83 -7.39
N GLY B 71 18.98 -19.90 -8.05
CA GLY B 71 19.36 -21.09 -8.77
C GLY B 71 20.84 -21.44 -8.66
N LYS B 72 21.14 -22.73 -8.84
CA LYS B 72 22.51 -23.22 -8.92
C LYS B 72 22.99 -23.15 -10.36
N VAL B 73 24.22 -22.69 -10.54
CA VAL B 73 24.83 -22.52 -11.86
C VAL B 73 26.28 -22.99 -11.84
N ASN B 74 26.80 -23.34 -13.02
CA ASN B 74 28.16 -23.87 -13.19
C ASN B 74 28.45 -25.13 -12.37
N GLU B 75 27.43 -25.95 -12.13
CA GLU B 75 27.56 -27.14 -11.27
C GLU B 75 27.52 -28.42 -12.09
N GLU B 83 27.72 -22.65 -8.14
CA GLU B 83 27.65 -21.32 -7.55
C GLU B 83 26.20 -20.88 -7.44
N ASP B 84 25.95 -19.91 -6.56
CA ASP B 84 24.62 -19.32 -6.41
C ASP B 84 24.43 -18.18 -7.41
N ALA B 85 23.18 -17.94 -7.77
CA ALA B 85 22.81 -16.82 -8.64
C ALA B 85 21.38 -16.41 -8.31
N VAL B 86 21.13 -15.10 -8.32
CA VAL B 86 19.77 -14.59 -8.21
C VAL B 86 19.40 -13.97 -9.55
N VAL B 87 18.30 -14.43 -10.12
CA VAL B 87 17.76 -13.87 -11.35
C VAL B 87 16.38 -13.28 -11.04
N ILE B 88 16.17 -12.04 -11.49
CA ILE B 88 14.94 -11.28 -11.21
C ILE B 88 14.33 -10.85 -12.53
N LEU B 89 13.12 -11.33 -12.82
CA LEU B 89 12.41 -10.97 -14.03
C LEU B 89 11.16 -10.16 -13.67
N GLU B 90 11.01 -9.02 -14.34
CA GLU B 90 9.87 -8.14 -14.14
C GLU B 90 9.31 -7.79 -15.52
N LYS B 91 8.00 -7.98 -15.71
CA LYS B 91 7.32 -7.53 -16.91
C LYS B 91 7.41 -6.01 -16.92
N THR B 92 7.45 -5.41 -18.10
CA THR B 92 7.59 -3.96 -18.19
C THR B 92 6.23 -3.28 -18.30
N PRO B 93 6.14 -2.05 -17.82
CA PRO B 93 4.95 -1.22 -18.05
C PRO B 93 4.72 -0.95 -19.54
N PHE B 94 3.47 -0.75 -19.92
CA PHE B 94 3.14 -0.44 -21.30
C PHE B 94 3.59 0.97 -21.66
N GLN B 95 3.98 1.15 -22.92
CA GLN B 95 4.21 2.48 -23.48
C GLN B 95 3.01 2.79 -24.36
N VAL B 96 2.46 4.00 -24.25
CA VAL B 96 1.20 4.33 -24.91
C VAL B 96 1.31 4.32 -26.44
N GLU B 97 2.45 4.79 -26.96
CA GLU B 97 2.66 4.88 -28.41
C GLU B 97 2.55 3.53 -29.10
N GLN B 98 3.24 2.53 -28.55
CA GLN B 98 3.27 1.17 -29.12
C GLN B 98 1.93 0.42 -29.00
N VAL B 99 1.19 0.64 -27.92
CA VAL B 99 -0.10 -0.02 -27.74
C VAL B 99 -1.08 0.43 -28.81
N ALA B 100 -1.17 1.74 -29.03
CA ALA B 100 -2.10 2.31 -30.02
C ALA B 100 -1.73 1.87 -31.44
N GLN B 101 -0.42 1.77 -31.70
CA GLN B 101 0.09 1.32 -32.99
C GLN B 101 -0.30 -0.12 -33.30
N LEU B 102 -0.23 -0.99 -32.30
CA LEU B 102 -0.51 -2.42 -32.46
C LEU B 102 -1.99 -2.71 -32.70
N LEU B 103 -2.87 -2.00 -32.00
CA LEU B 103 -4.31 -2.24 -32.08
C LEU B 103 -4.93 -1.71 -33.37
N THR B 104 -4.29 -0.70 -33.95
CA THR B 104 -4.76 -0.12 -35.21
C THR B 104 -4.46 -1.05 -36.39
N GLY B 105 -3.49 -1.95 -36.22
CA GLY B 105 -3.20 -2.98 -37.20
C GLY B 105 -4.05 -4.22 -36.98
N SER B 106 -3.43 -5.39 -37.09
CA SER B 106 -4.10 -6.66 -36.88
C SER B 106 -3.33 -7.51 -35.86
N PRO B 107 -3.61 -7.33 -34.58
CA PRO B 107 -2.91 -8.06 -33.53
C PRO B 107 -3.25 -9.56 -33.50
N GLU B 108 -2.35 -10.34 -32.92
CA GLU B 108 -2.54 -11.78 -32.77
C GLU B 108 -3.35 -12.00 -31.50
N LEU B 109 -4.59 -12.46 -31.65
CA LEU B 109 -5.44 -12.66 -30.47
C LEU B 109 -6.26 -13.94 -30.47
N GLN B 110 -6.60 -14.39 -29.26
CA GLN B 110 -7.41 -15.58 -29.03
C GLN B 110 -8.51 -15.19 -28.03
N LEU B 111 -9.77 -15.32 -28.45
CA LEU B 111 -10.88 -14.99 -27.57
C LEU B 111 -11.06 -16.02 -26.46
N GLN B 112 -10.89 -15.57 -25.22
CA GLN B 112 -11.27 -16.35 -24.04
C GLN B 112 -12.81 -16.43 -23.97
N PHE B 113 -13.46 -15.30 -23.69
CA PHE B 113 -14.92 -15.26 -23.61
C PHE B 113 -15.51 -13.88 -23.92
N SER B 114 -16.79 -13.87 -24.28
CA SER B 114 -17.52 -12.63 -24.55
C SER B 114 -18.80 -12.56 -23.71
N ASN B 115 -19.11 -11.38 -23.17
CA ASN B 115 -20.47 -11.06 -22.76
C ASN B 115 -20.97 -9.74 -23.35
N ASP B 116 -21.64 -9.88 -24.48
CA ASP B 116 -22.23 -8.79 -25.24
C ASP B 116 -21.20 -7.70 -25.60
N ILE B 117 -21.21 -6.55 -24.92
CA ILE B 117 -20.28 -5.46 -25.29
C ILE B 117 -18.83 -5.73 -24.83
N TYR B 118 -18.68 -6.54 -23.79
CA TYR B 118 -17.37 -6.94 -23.27
C TYR B 118 -16.87 -8.20 -23.98
N SER B 119 -15.56 -8.24 -24.19
CA SER B 119 -14.89 -9.42 -24.73
C SER B 119 -13.46 -9.46 -24.19
N THR B 120 -12.98 -10.66 -23.89
CA THR B 120 -11.69 -10.85 -23.26
C THR B 120 -10.83 -11.78 -24.11
N TYR B 121 -9.56 -11.41 -24.28
CA TYR B 121 -8.64 -12.09 -25.20
C TYR B 121 -7.25 -12.29 -24.55
N HIS B 122 -6.50 -13.25 -25.10
CA HIS B 122 -5.05 -13.30 -24.94
C HIS B 122 -4.44 -12.62 -26.17
N LEU B 123 -3.60 -11.62 -25.94
CA LEU B 123 -2.91 -10.93 -27.01
C LEU B 123 -1.46 -11.36 -26.96
N PHE B 124 -0.91 -11.73 -28.11
CA PHE B 124 0.51 -12.06 -28.24
C PHE B 124 1.12 -10.97 -29.09
N PRO B 125 1.71 -9.95 -28.46
CA PRO B 125 2.21 -8.78 -29.19
C PRO B 125 3.53 -9.06 -29.88
N PRO B 126 3.95 -8.16 -30.78
CA PRO B 126 5.27 -8.28 -31.40
C PRO B 126 6.40 -8.07 -30.38
N ARG B 127 7.62 -8.43 -30.75
CA ARG B 127 8.78 -8.40 -29.85
C ARG B 127 8.87 -7.16 -28.96
N GLN B 128 8.57 -5.99 -29.53
CA GLN B 128 8.78 -4.70 -28.86
C GLN B 128 8.06 -4.53 -27.51
N LEU B 129 6.85 -5.10 -27.39
CA LEU B 129 6.04 -4.97 -26.19
C LEU B 129 6.32 -6.06 -25.13
N ASN B 130 7.17 -7.03 -25.48
CA ASN B 130 7.42 -8.21 -24.65
C ASN B 130 8.64 -8.07 -23.72
N ASP B 131 9.27 -6.91 -23.70
CA ASP B 131 10.50 -6.71 -22.94
C ASP B 131 10.32 -7.04 -21.45
N VAL B 132 11.21 -7.87 -20.93
CA VAL B 132 11.23 -8.22 -19.51
C VAL B 132 12.54 -7.73 -18.89
N LYS B 133 12.46 -6.79 -17.95
CA LYS B 133 13.64 -6.34 -17.21
C LYS B 133 14.19 -7.48 -16.35
N THR B 134 15.46 -7.80 -16.54
CA THR B 134 16.10 -8.97 -15.97
C THR B 134 17.37 -8.59 -15.23
N THR B 135 17.39 -8.78 -13.91
CA THR B 135 18.56 -8.48 -13.09
C THR B 135 19.23 -9.77 -12.62
N VAL B 136 20.53 -9.88 -12.87
CA VAL B 136 21.31 -11.07 -12.53
C VAL B 136 22.34 -10.71 -11.47
N VAL B 137 22.42 -11.52 -10.42
CA VAL B 137 23.39 -11.34 -9.35
C VAL B 137 24.26 -12.59 -9.26
N TYR B 138 25.46 -12.53 -9.83
CA TYR B 138 26.37 -13.67 -9.85
C TYR B 138 27.82 -13.21 -9.67
N PRO B 139 28.58 -13.82 -8.76
CA PRO B 139 28.09 -14.85 -7.84
C PRO B 139 27.29 -14.26 -6.68
N ALA B 140 26.24 -14.96 -6.26
CA ALA B 140 25.40 -14.54 -5.14
C ALA B 140 25.96 -15.12 -3.84
N THR B 141 25.97 -14.31 -2.79
CA THR B 141 26.39 -14.75 -1.47
C THR B 141 25.16 -14.93 -0.59
N GLU B 142 25.37 -15.41 0.63
CA GLU B 142 24.26 -15.64 1.58
C GLU B 142 23.49 -14.37 1.91
N LYS B 143 24.17 -13.23 1.90
CA LYS B 143 23.54 -11.94 2.17
C LYS B 143 22.60 -11.52 1.05
N HIS B 144 22.99 -11.78 -0.19
CA HIS B 144 22.13 -11.51 -1.35
C HIS B 144 20.84 -12.33 -1.34
N LEU B 145 20.92 -13.57 -0.84
CA LEU B 145 19.76 -14.48 -0.83
C LEU B 145 18.71 -14.10 0.20
N GLN B 146 19.15 -13.66 1.38
CA GLN B 146 18.23 -13.24 2.44
C GLN B 146 17.75 -11.79 2.21
N LYS B 147 18.38 -11.09 1.27
CA LYS B 147 17.96 -9.74 0.89
C LYS B 147 16.73 -9.77 -0.02
N TYR B 148 16.68 -10.73 -0.93
CA TYR B 148 15.56 -10.84 -1.89
C TYR B 148 14.45 -11.78 -1.42
N LEU B 149 14.77 -12.68 -0.48
CA LEU B 149 13.79 -13.59 0.12
C LEU B 149 12.60 -12.80 0.69
N ARG B 150 11.39 -13.33 0.48
CA ARG B 150 10.15 -12.68 0.94
C ARG B 150 10.23 -12.38 2.43
N GLN B 151 9.87 -11.15 2.80
CA GLN B 151 9.88 -10.73 4.20
C GLN B 151 8.92 -11.62 4.99
N ASP B 152 9.38 -12.11 6.13
CA ASP B 152 8.51 -12.80 7.08
C ASP B 152 8.31 -11.87 8.28
N LEU B 153 7.17 -11.19 8.31
CA LEU B 153 6.94 -10.12 9.27
C LEU B 153 6.06 -10.58 10.43
N ARG B 154 6.26 -9.98 11.60
CA ARG B 154 5.45 -10.22 12.79
C ARG B 154 5.06 -8.88 13.41
N LEU B 155 3.80 -8.73 13.77
CA LEU B 155 3.34 -7.54 14.44
C LEU B 155 3.72 -7.63 15.91
N ILE B 156 4.16 -6.50 16.45
CA ILE B 156 4.39 -6.39 17.87
C ILE B 156 3.77 -5.10 18.40
N ARG B 157 3.36 -5.15 19.67
CA ARG B 157 2.80 -3.98 20.35
C ARG B 157 3.76 -3.57 21.47
N GLU B 158 4.41 -2.44 21.30
CA GLU B 158 5.40 -1.93 22.25
C GLU B 158 4.78 -0.91 23.20
N THR B 159 4.66 -1.26 24.47
CA THR B 159 4.17 -0.31 25.47
C THR B 159 5.24 0.74 25.73
N GLY B 160 4.85 1.83 26.38
CA GLY B 160 5.78 2.86 26.80
C GLY B 160 6.93 2.30 27.63
N ASP B 161 6.61 1.38 28.53
CA ASP B 161 7.62 0.73 29.37
C ASP B 161 8.54 -0.18 28.54
N ASP B 162 7.98 -0.86 27.53
CA ASP B 162 8.78 -1.69 26.63
C ASP B 162 9.81 -0.82 25.90
N TYR B 163 9.40 0.36 25.47
CA TYR B 163 10.30 1.23 24.75
C TYR B 163 11.45 1.64 25.66
N ARG B 164 11.11 2.07 26.87
CA ARG B 164 12.11 2.54 27.82
C ARG B 164 13.06 1.42 28.23
N ASN B 165 12.51 0.23 28.45
CA ASN B 165 13.26 -0.88 29.06
C ASN B 165 13.98 -1.76 28.05
N ILE B 166 13.48 -1.83 26.82
CA ILE B 166 13.90 -2.84 25.86
C ILE B 166 14.37 -2.22 24.54
N THR B 167 13.48 -1.50 23.88
CA THR B 167 13.75 -0.96 22.55
C THR B 167 14.92 0.03 22.57
N LEU B 168 14.86 1.00 23.48
CA LEU B 168 15.86 2.06 23.53
C LEU B 168 17.22 1.53 23.88
N PRO B 169 17.36 0.74 24.93
CA PRO B 169 18.65 0.11 25.23
C PRO B 169 19.20 -0.71 24.06
N HIS B 170 18.33 -1.39 23.31
CA HIS B 170 18.77 -2.13 22.12
C HIS B 170 19.32 -1.20 21.04
N LEU B 171 18.59 -0.12 20.75
CA LEU B 171 18.99 0.93 19.80
C LEU B 171 20.37 1.52 20.18
N GLU B 172 20.54 1.80 21.46
CA GLU B 172 21.78 2.36 21.98
C GLU B 172 22.95 1.39 21.87
N SER B 173 22.74 0.08 22.06
CA SER B 173 23.81 -0.92 21.90
C SER B 173 24.29 -1.02 20.44
N GLN B 174 23.42 -0.73 19.50
CA GLN B 174 23.84 -0.58 18.12
C GLN B 174 24.30 0.86 18.07
N SER B 175 25.46 1.12 17.51
CA SER B 175 25.91 2.51 17.52
C SER B 175 25.76 3.08 16.13
N LEU B 176 24.53 3.04 15.63
CA LEU B 176 24.24 3.37 14.25
C LEU B 176 24.53 4.84 14.01
N SER B 177 25.46 5.11 13.10
CA SER B 177 25.88 6.48 12.84
C SER B 177 24.81 7.27 12.08
N ILE B 178 24.56 8.47 12.56
CA ILE B 178 23.70 9.48 11.94
C ILE B 178 24.54 10.62 11.34
N GLN B 179 25.86 10.47 11.32
CA GLN B 179 26.72 11.54 10.81
C GLN B 179 26.29 12.01 9.41
N TRP B 180 25.87 11.08 8.54
CA TRP B 180 25.42 11.43 7.19
C TRP B 180 24.27 12.43 7.21
N VAL B 181 23.38 12.31 8.19
CA VAL B 181 22.29 13.27 8.39
C VAL B 181 22.86 14.65 8.76
N TYR B 182 23.78 14.68 9.72
CA TYR B 182 24.41 15.93 10.12
C TYR B 182 25.17 16.60 8.98
N ASN B 183 25.79 15.80 8.11
CA ASN B 183 26.50 16.34 6.95
C ASN B 183 25.54 17.05 5.99
N ILE B 184 24.32 16.53 5.85
CA ILE B 184 23.29 17.19 5.04
C ILE B 184 22.82 18.49 5.70
N LEU B 185 22.57 18.46 7.00
CA LEU B 185 22.09 19.63 7.74
C LEU B 185 23.14 20.74 7.83
N ASP B 186 24.41 20.35 7.80
CA ASP B 186 25.54 21.28 7.87
C ASP B 186 26.01 21.73 6.48
N LYS B 187 25.32 21.27 5.43
CA LYS B 187 25.63 21.65 4.05
C LYS B 187 26.95 21.08 3.53
N LYS B 188 27.44 20.02 4.16
CA LYS B 188 28.64 19.31 3.71
C LYS B 188 28.34 18.23 2.67
N ALA B 189 27.06 17.91 2.47
CA ALA B 189 26.67 16.86 1.52
C ALA B 189 25.25 17.08 0.98
N GLU B 190 25.07 16.79 -0.31
CA GLU B 190 23.79 16.91 -1.00
C GLU B 190 23.11 18.28 -0.87
N ALA B 191 23.90 19.33 -0.70
CA ALA B 191 23.36 20.68 -0.51
C ALA B 191 22.58 21.16 -1.73
N ASP B 192 23.03 20.75 -2.92
CA ASP B 192 22.35 21.10 -4.18
C ASP B 192 21.00 20.39 -4.35
N ARG B 193 20.79 19.32 -3.60
CA ARG B 193 19.52 18.57 -3.64
C ARG B 193 18.45 19.14 -2.72
N ILE B 194 18.84 20.00 -1.77
CA ILE B 194 17.86 20.64 -0.89
C ILE B 194 16.91 21.51 -1.70
N VAL B 195 15.63 21.33 -1.45
CA VAL B 195 14.56 21.98 -2.19
C VAL B 195 14.03 23.19 -1.41
N PHE B 196 14.13 23.10 -0.08
CA PHE B 196 13.65 24.15 0.79
C PHE B 196 14.30 24.00 2.17
N GLU B 197 14.63 25.13 2.79
CA GLU B 197 15.10 25.12 4.16
C GLU B 197 14.44 26.22 4.99
N ASN B 198 13.94 25.84 6.16
CA ASN B 198 13.75 26.77 7.28
C ASN B 198 14.97 26.59 8.17
N PRO B 199 15.87 27.59 8.21
CA PRO B 199 17.17 27.44 8.87
C PRO B 199 17.15 27.54 10.40
N ASP B 200 15.97 27.73 11.00
CA ASP B 200 15.88 27.86 12.45
C ASP B 200 16.47 26.61 13.14
N PRO B 201 17.47 26.79 14.01
CA PRO B 201 18.12 25.64 14.69
C PRO B 201 17.18 24.73 15.48
N SER B 202 16.13 25.28 16.08
CA SER B 202 15.24 24.47 16.92
C SER B 202 13.97 23.98 16.23
N ASP B 203 13.37 24.84 15.40
CA ASP B 203 12.08 24.57 14.77
C ASP B 203 12.14 24.50 13.24
N GLY B 204 13.36 24.48 12.72
CA GLY B 204 13.61 24.41 11.31
C GLY B 204 13.87 23.01 10.77
N PHE B 205 14.00 22.95 9.46
CA PHE B 205 14.20 21.70 8.75
C PHE B 205 14.69 21.94 7.33
N VAL B 206 15.09 20.84 6.70
CA VAL B 206 15.51 20.83 5.31
C VAL B 206 14.59 19.83 4.57
N LEU B 207 14.17 20.17 3.36
CA LEU B 207 13.30 19.33 2.55
C LEU B 207 14.08 18.86 1.33
N ILE B 208 14.21 17.54 1.17
CA ILE B 208 15.00 16.93 0.09
C ILE B 208 14.18 15.88 -0.65
N PRO B 209 14.25 15.87 -1.98
CA PRO B 209 13.59 14.81 -2.76
C PRO B 209 14.25 13.47 -2.49
N ASP B 210 13.47 12.41 -2.49
CA ASP B 210 14.04 11.07 -2.48
C ASP B 210 14.89 10.85 -3.72
N MET B 211 16.01 10.14 -3.55
CA MET B 211 16.95 9.90 -4.65
C MET B 211 16.29 9.10 -5.79
N LYS B 212 15.41 8.17 -5.43
CA LYS B 212 14.69 7.33 -6.41
C LYS B 212 13.77 8.17 -7.29
N TRP B 213 13.17 9.19 -6.69
CA TRP B 213 12.31 10.12 -7.43
C TRP B 213 13.14 11.05 -8.31
N ASN B 214 12.68 11.25 -9.55
CA ASN B 214 13.42 12.05 -10.54
C ASN B 214 12.74 13.39 -10.88
N GLN B 215 11.70 13.75 -10.12
CA GLN B 215 11.06 15.07 -10.21
C GLN B 215 10.44 15.42 -11.57
N GLN B 216 10.19 14.40 -12.41
CA GLN B 216 9.63 14.61 -13.74
C GLN B 216 8.10 14.50 -13.75
N GLN B 217 7.54 13.70 -12.84
CA GLN B 217 6.09 13.54 -12.74
C GLN B 217 5.62 13.51 -11.28
N LEU B 218 4.45 14.09 -11.03
CA LEU B 218 3.95 14.28 -9.67
C LEU B 218 3.29 13.04 -9.06
N ASP B 219 3.03 12.03 -9.89
CA ASP B 219 2.39 10.80 -9.43
C ASP B 219 3.20 10.06 -8.36
N ASP B 220 4.52 10.19 -8.42
CA ASP B 220 5.39 9.54 -7.44
C ASP B 220 6.21 10.57 -6.65
N LEU B 221 5.64 11.75 -6.45
CA LEU B 221 6.25 12.76 -5.59
C LEU B 221 6.58 12.16 -4.24
N TYR B 222 7.84 12.27 -3.85
CA TYR B 222 8.34 11.67 -2.61
C TYR B 222 9.49 12.54 -2.09
N LEU B 223 9.22 13.28 -1.01
CA LEU B 223 10.23 14.12 -0.37
C LEU B 223 10.32 13.78 1.13
N ILE B 224 11.46 14.14 1.71
CA ILE B 224 11.70 13.98 3.14
C ILE B 224 12.09 15.30 3.79
N ALA B 225 11.51 15.60 4.94
CA ALA B 225 11.91 16.74 5.75
C ALA B 225 12.73 16.18 6.92
N ILE B 226 13.93 16.71 7.10
CA ILE B 226 14.78 16.33 8.21
C ILE B 226 14.92 17.55 9.08
N CYS B 227 14.59 17.43 10.35
CA CYS B 227 14.69 18.59 11.24
C CYS B 227 16.14 18.94 11.57
N HIS B 228 16.40 20.22 11.79
CA HIS B 228 17.70 20.71 12.22
C HIS B 228 18.02 20.33 13.67
N ARG B 229 17.00 20.26 14.51
CA ARG B 229 17.23 19.95 15.90
C ARG B 229 17.77 18.53 16.05
N ARG B 230 18.78 18.38 16.89
CA ARG B 230 19.40 17.07 17.08
C ARG B 230 18.80 16.34 18.27
N GLY B 231 18.86 15.01 18.24
CA GLY B 231 18.52 14.19 19.39
C GLY B 231 17.09 13.70 19.46
N ILE B 232 16.27 14.05 18.48
CA ILE B 232 14.91 13.51 18.38
C ILE B 232 15.01 12.23 17.57
N ARG B 233 15.02 11.09 18.26
CA ARG B 233 15.30 9.83 17.62
C ARG B 233 14.17 9.38 16.69
N SER B 234 12.94 9.61 17.14
CA SER B 234 11.75 9.10 16.46
C SER B 234 10.53 9.70 17.14
N LEU B 235 9.36 9.26 16.70
CA LEU B 235 8.05 9.58 17.31
C LEU B 235 8.05 9.46 18.84
N ARG B 236 8.79 8.47 19.34
CA ARG B 236 8.84 8.20 20.77
C ARG B 236 9.41 9.32 21.61
N ASP B 237 10.20 10.19 21.00
CA ASP B 237 10.75 11.35 21.69
C ASP B 237 9.91 12.62 21.63
N LEU B 238 8.81 12.59 20.89
CA LEU B 238 8.02 13.82 20.68
C LEU B 238 7.19 14.19 21.91
N THR B 239 7.31 15.45 22.33
CA THR B 239 6.54 16.05 23.41
C THR B 239 5.95 17.38 22.91
N PRO B 240 5.16 18.06 23.72
CA PRO B 240 4.61 19.35 23.29
C PRO B 240 5.65 20.42 22.95
N GLU B 241 6.88 20.32 23.46
CA GLU B 241 7.91 21.30 23.11
C GLU B 241 8.31 21.23 21.62
N HIS B 242 7.98 20.12 20.97
CA HIS B 242 8.22 19.93 19.56
C HIS B 242 7.08 20.41 18.66
N LEU B 243 5.99 20.92 19.26
CA LEU B 243 4.85 21.35 18.48
C LEU B 243 5.19 22.43 17.44
N PRO B 244 5.96 23.49 17.78
CA PRO B 244 6.37 24.46 16.77
C PRO B 244 7.12 23.87 15.57
N LEU B 245 8.05 22.96 15.82
CA LEU B 245 8.80 22.27 14.77
C LEU B 245 7.87 21.45 13.89
N LEU B 246 6.98 20.69 14.49
CA LEU B 246 6.11 19.79 13.74
C LEU B 246 5.14 20.58 12.88
N ARG B 247 4.57 21.65 13.46
CA ARG B 247 3.70 22.56 12.70
C ARG B 247 4.43 23.19 11.52
N ASN B 248 5.68 23.56 11.71
CA ASN B 248 6.47 24.14 10.64
C ASN B 248 6.68 23.15 9.50
N ILE B 249 7.06 21.94 9.85
CA ILE B 249 7.27 20.90 8.85
C ILE B 249 5.98 20.70 8.06
N LEU B 250 4.86 20.59 8.76
CA LEU B 250 3.58 20.37 8.11
C LEU B 250 3.26 21.52 7.16
N HIS B 251 3.25 22.75 7.69
CA HIS B 251 2.79 23.89 6.92
C HIS B 251 3.82 24.41 5.91
N GLN B 252 5.04 24.67 6.36
CA GLN B 252 6.04 25.26 5.50
C GLN B 252 6.52 24.23 4.47
N GLY B 253 6.48 22.96 4.85
CA GLY B 253 6.76 21.87 3.93
C GLY B 253 5.75 21.81 2.82
N GLN B 254 4.46 21.84 3.17
CA GLN B 254 3.43 21.78 2.13
C GLN B 254 3.46 23.01 1.24
N GLU B 255 3.69 24.19 1.83
CA GLU B 255 3.73 25.45 1.07
C GLU B 255 4.95 25.48 0.13
N ALA B 256 6.05 24.85 0.52
CA ALA B 256 7.24 24.80 -0.34
C ALA B 256 6.98 23.91 -1.55
N ILE B 257 6.24 22.83 -1.33
CA ILE B 257 5.86 21.89 -2.39
C ILE B 257 4.85 22.54 -3.35
N LEU B 258 3.95 23.35 -2.82
CA LEU B 258 3.03 24.11 -3.65
C LEU B 258 3.78 25.06 -4.59
N GLN B 259 4.80 25.70 -4.08
CA GLN B 259 5.57 26.65 -4.85
C GLN B 259 6.43 25.95 -5.91
N ARG B 260 7.14 24.90 -5.50
CA ARG B 260 8.11 24.22 -6.36
C ARG B 260 7.43 23.31 -7.40
N TYR B 261 6.41 22.56 -6.98
CA TYR B 261 5.79 21.54 -7.85
C TYR B 261 4.34 21.80 -8.23
N ARG B 262 3.78 22.92 -7.77
CA ARG B 262 2.38 23.26 -8.02
C ARG B 262 1.43 22.17 -7.53
N MET B 263 1.80 21.51 -6.44
CA MET B 263 0.99 20.42 -5.90
C MET B 263 0.31 20.92 -4.63
N LYS B 264 -1.02 20.91 -4.60
CA LYS B 264 -1.76 21.32 -3.41
C LYS B 264 -1.61 20.28 -2.32
N GLY B 265 -1.80 20.71 -1.08
CA GLY B 265 -1.60 19.88 0.09
C GLY B 265 -2.56 18.71 0.17
N ASP B 266 -3.78 18.88 -0.33
CA ASP B 266 -4.75 17.79 -0.30
C ASP B 266 -4.47 16.69 -1.35
N HIS B 267 -3.40 16.85 -2.11
CA HIS B 267 -2.86 15.79 -2.95
C HIS B 267 -1.77 15.00 -2.22
N LEU B 268 -1.44 15.39 -0.99
CA LEU B 268 -0.25 14.90 -0.29
C LEU B 268 -0.58 14.16 1.00
N ARG B 269 0.25 13.16 1.29
CA ARG B 269 0.26 12.39 2.52
C ARG B 269 1.51 12.87 3.26
N VAL B 270 1.37 13.38 4.49
CA VAL B 270 2.52 13.83 5.29
C VAL B 270 2.57 13.01 6.59
N TYR B 271 3.61 12.22 6.76
CA TYR B 271 3.64 11.23 7.84
C TYR B 271 5.04 10.79 8.27
N LEU B 272 5.09 10.15 9.43
CA LEU B 272 6.32 9.54 9.94
C LEU B 272 6.16 8.04 10.05
N HIS B 273 7.29 7.36 10.13
CA HIS B 273 7.30 5.91 10.36
C HIS B 273 7.81 5.62 11.77
N TYR B 274 7.26 4.57 12.35
CA TYR B 274 7.74 4.00 13.59
C TYR B 274 7.56 2.47 13.49
N LEU B 275 8.64 1.68 13.50
CA LEU B 275 10.03 2.13 13.59
C LEU B 275 10.50 2.84 12.33
N PRO B 276 11.35 3.86 12.46
CA PRO B 276 11.98 4.50 11.30
C PRO B 276 13.20 3.70 10.90
N SER B 277 13.72 3.95 9.70
CA SER B 277 14.92 3.27 9.20
C SER B 277 16.19 3.87 9.78
N TYR B 278 16.14 5.12 10.22
CA TYR B 278 17.21 5.71 11.01
C TYR B 278 16.67 6.64 12.10
N TYR B 279 17.52 6.97 13.07
CA TYR B 279 17.05 7.58 14.33
C TYR B 279 17.40 9.05 14.47
N HIS B 280 16.94 9.82 13.50
CA HIS B 280 16.88 11.25 13.57
C HIS B 280 15.59 11.64 12.84
N LEU B 281 14.71 12.32 13.54
CA LEU B 281 13.34 12.57 13.09
C LEU B 281 13.27 13.06 11.64
N HIS B 282 12.48 12.35 10.85
CA HIS B 282 12.27 12.72 9.46
C HIS B 282 10.86 12.40 9.04
N VAL B 283 10.29 13.29 8.22
CA VAL B 283 8.90 13.24 7.83
C VAL B 283 8.79 13.07 6.32
N HIS B 284 7.90 12.18 5.89
CA HIS B 284 7.63 11.90 4.48
C HIS B 284 6.52 12.78 3.92
N PHE B 285 6.72 13.27 2.70
CA PHE B 285 5.71 13.97 1.90
C PHE B 285 5.57 13.15 0.63
N THR B 286 4.41 12.56 0.43
CA THR B 286 4.23 11.67 -0.71
C THR B 286 2.87 11.86 -1.37
N ALA B 287 2.86 11.79 -2.70
CA ALA B 287 1.63 11.87 -3.48
C ALA B 287 0.64 10.82 -3.01
N LEU B 288 -0.64 11.18 -3.00
CA LEU B 288 -1.72 10.23 -2.71
C LEU B 288 -1.74 9.11 -3.76
N GLY B 289 -1.40 9.44 -5.00
CA GLY B 289 -1.42 8.47 -6.08
C GLY B 289 -0.27 7.47 -6.11
N PHE B 290 0.66 7.58 -5.17
CA PHE B 290 1.85 6.73 -5.15
C PHE B 290 1.54 5.41 -4.46
N ARG B 299 3.09 0.85 11.11
CA ARG B 299 3.80 1.55 10.03
C ARG B 299 3.81 3.11 10.15
N ALA B 300 2.88 3.76 9.44
CA ALA B 300 2.84 5.21 9.25
C ALA B 300 1.99 5.96 10.29
N HIS B 301 2.35 7.23 10.54
CA HIS B 301 1.61 8.10 11.47
C HIS B 301 1.50 9.47 10.85
N LEU B 302 0.28 9.91 10.61
CA LEU B 302 0.04 11.19 9.93
C LEU B 302 0.48 12.33 10.85
N LEU B 303 1.26 13.25 10.29
CA LEU B 303 1.86 14.33 11.05
C LEU B 303 0.81 15.20 11.71
N ALA B 304 -0.29 15.46 11.00
CA ALA B 304 -1.39 16.26 11.54
C ALA B 304 -2.02 15.58 12.75
N GLU B 305 -2.10 14.25 12.75
CA GLU B 305 -2.60 13.52 13.91
C GLU B 305 -1.58 13.47 15.06
N VAL B 306 -0.31 13.35 14.72
CA VAL B 306 0.74 13.42 15.74
C VAL B 306 0.62 14.73 16.51
N ILE B 307 0.42 15.84 15.78
CA ILE B 307 0.28 17.16 16.36
C ILE B 307 -0.93 17.20 17.30
N GLU B 308 -2.07 16.74 16.83
CA GLU B 308 -3.29 16.78 17.63
C GLU B 308 -3.21 15.87 18.86
N ASN B 309 -2.54 14.73 18.75
CA ASN B 309 -2.31 13.86 19.91
C ASN B 309 -1.54 14.58 21.01
N LEU B 310 -0.51 15.31 20.62
CA LEU B 310 0.31 16.05 21.56
C LEU B 310 -0.47 17.20 22.21
N GLU B 311 -1.33 17.86 21.44
CA GLU B 311 -2.19 18.92 21.97
C GLU B 311 -3.21 18.38 22.98
N CYS B 312 -3.68 17.16 22.79
CA CYS B 312 -4.71 16.56 23.63
C CYS B 312 -4.11 15.86 24.84
N ASP B 313 -2.95 15.25 24.64
CA ASP B 313 -2.31 14.41 25.66
C ASP B 313 -0.80 14.59 25.56
N PRO B 314 -0.24 15.49 26.37
CA PRO B 314 1.19 15.81 26.31
C PRO B 314 2.12 14.61 26.38
N ARG B 315 1.76 13.57 27.12
CA ARG B 315 2.63 12.44 27.31
C ARG B 315 2.33 11.25 26.37
N HIS B 316 1.50 11.49 25.36
CA HIS B 316 0.99 10.44 24.48
C HIS B 316 2.07 9.48 23.98
N TYR B 317 3.15 10.01 23.40
CA TYR B 317 4.14 9.17 22.75
C TYR B 317 5.16 8.55 23.71
N GLN B 318 5.14 8.96 24.97
CA GLN B 318 5.88 8.24 25.99
C GLN B 318 5.04 7.19 26.72
N GLN B 319 3.71 7.37 26.78
CA GLN B 319 2.87 6.50 27.60
C GLN B 319 2.12 5.43 26.79
N ARG B 320 1.70 5.78 25.59
CA ARG B 320 0.83 4.93 24.79
C ARG B 320 1.58 3.82 24.06
N THR B 321 0.83 2.80 23.64
CA THR B 321 1.39 1.62 23.02
C THR B 321 1.46 1.84 21.51
N MET B 322 2.61 1.50 20.94
CA MET B 322 2.83 1.60 19.51
C MET B 322 2.81 0.21 18.88
N THR B 323 2.29 0.10 17.67
CA THR B 323 2.22 -1.18 16.95
C THR B 323 3.02 -1.10 15.68
N PHE B 324 3.87 -2.08 15.45
CA PHE B 324 4.64 -2.11 14.21
C PHE B 324 5.05 -3.53 13.86
N ALA B 325 5.52 -3.71 12.63
CA ALA B 325 5.98 -5.01 12.17
C ALA B 325 7.50 -5.08 12.20
N LEU B 326 8.04 -6.23 12.58
CA LEU B 326 9.46 -6.55 12.50
C LEU B 326 9.66 -7.86 11.72
N ARG B 327 10.83 -8.01 11.13
CA ARG B 327 11.24 -9.30 10.57
C ARG B 327 11.28 -10.35 11.69
N ALA B 328 10.92 -11.57 11.35
CA ALA B 328 10.83 -12.65 12.34
C ALA B 328 12.16 -12.92 13.02
N ASP B 329 13.26 -12.68 12.31
CA ASP B 329 14.60 -12.89 12.85
C ASP B 329 15.24 -11.65 13.49
N ASP B 330 14.52 -10.53 13.57
CA ASP B 330 15.03 -9.31 14.21
C ASP B 330 15.27 -9.56 15.70
N PRO B 331 16.50 -9.33 16.18
CA PRO B 331 16.80 -9.52 17.60
C PRO B 331 15.86 -8.72 18.51
N LEU B 332 15.48 -7.51 18.09
CA LEU B 332 14.49 -6.72 18.83
C LEU B 332 13.16 -7.46 19.03
N LEU B 333 12.70 -8.16 18.00
CA LEU B 333 11.44 -8.90 18.10
C LEU B 333 11.50 -9.90 19.23
N LYS B 334 12.57 -10.69 19.24
CA LYS B 334 12.78 -11.66 20.29
C LYS B 334 12.85 -11.00 21.65
N LEU B 335 13.54 -9.87 21.77
CA LEU B 335 13.67 -9.16 23.05
C LEU B 335 12.33 -8.69 23.57
N LEU B 336 11.46 -8.20 22.68
CA LEU B 336 10.17 -7.66 23.10
C LEU B 336 9.21 -8.79 23.43
N GLN B 337 9.25 -9.87 22.68
CA GLN B 337 8.41 -11.05 22.94
C GLN B 337 8.74 -11.68 24.29
N GLU B 338 10.03 -11.78 24.63
CA GLU B 338 10.47 -12.36 25.90
C GLU B 338 10.05 -11.49 27.09
N ALA B 339 10.17 -10.18 26.92
CA ALA B 339 9.72 -9.22 27.94
C ALA B 339 8.22 -9.34 28.19
N GLN B 340 7.46 -9.58 27.13
CA GLN B 340 6.01 -9.62 27.22
C GLN B 340 5.43 -10.99 27.64
N GLN B 341 6.24 -12.05 27.55
CA GLN B 341 5.79 -13.42 27.86
C GLN B 341 6.14 -13.83 29.29
P PO4 C . -14.50 -1.38 4.03
O1 PO4 C . -13.81 -0.19 3.43
O2 PO4 C . -14.37 -2.58 3.14
O3 PO4 C . -15.97 -1.09 4.07
O4 PO4 C . -13.96 -1.61 5.42
P PO4 D . 11.64 5.74 7.15
O1 PO4 D . 12.96 5.93 7.82
O2 PO4 D . 11.11 4.37 7.43
O3 PO4 D . 11.87 5.93 5.68
O4 PO4 D . 10.62 6.77 7.62
#